data_6BCE
#
_entry.id   6BCE
#
_cell.length_a   115.261
_cell.length_b   42.752
_cell.length_c   103.380
_cell.angle_alpha   90.00
_cell.angle_beta   109.22
_cell.angle_gamma   90.00
#
_symmetry.space_group_name_H-M   'C 1 2 1'
#
loop_
_entity.id
_entity.type
_entity.pdbx_description
1 polymer 'Ribosomal protein 3/homing endonuclease-like fusion protein'
2 polymer 'DNA (27-MER)'
3 polymer 'DNA (27-MER)'
4 non-polymer 'CALCIUM ION'
5 water water
#
loop_
_entity_poly.entity_id
_entity_poly.type
_entity_poly.pdbx_seq_one_letter_code
_entity_poly.pdbx_strand_id
1 'polypeptide(L)'
;SYSTLANFPVQARNDNISPWTITGFADAESSFMLTVSKDSKRNTGWSVRPRFRIGLHNKDVTILKSIREYLGAGIITSDI
DARIRFESLKELEVVINHFDKYPLITQKRADYLLFKKAFYLIKNKEHLTEEGLNQILTLKASLNLGLSEELKEAFPNTIP
AERLLVTGQEIPDSNWVAGFTAGEGSFYIRIAKNSTLKTGYQVQSVFQITQDTRDIELMKNLISYLNCGNIRIRKYKGSE
GIHDTCVDLVVTNLNDIKEKIIPFFNKNHIIGVKLQDYRDWCKVVTLIDNKEHLTSEGLEKIQKIKEGMNRGRSL
;
A
2 'polydeoxyribonucleotide'
;(DG)(DG)(DT)(DC)(DT)(DA)(DA)(DA)(DC)(DG)(DT)(DC)(DG)(DT)(DA)(DT)(DA)(DG)(DG)(DA)
(DG)(DC)(DA)(DT)(DT)(DT)(DG)
;
B
3 'polydeoxyribonucleotide'
;(DC)(DA)(DA)(DA)(DT)(DG)(DC)(DT)(DC)(DC)(DT)(DA)(DT)(DA)(DC)(DG)(DA)(DC)(DG)(DT)
(DT)(DT)(DA)(DG)(DA)(DC)(DC)
;
C
#
# COMPACT_ATOMS: atom_id res chain seq x y z
N ASN A 16 -15.04 -10.80 -7.67
CA ASN A 16 -14.00 -11.32 -6.78
C ASN A 16 -12.63 -10.70 -7.08
N ILE A 17 -11.97 -10.27 -6.02
CA ILE A 17 -10.67 -9.61 -6.12
C ILE A 17 -9.60 -10.59 -6.62
N SER A 18 -8.64 -10.10 -7.39
CA SER A 18 -7.55 -10.92 -7.90
C SER A 18 -6.45 -11.12 -6.83
N PRO A 19 -5.76 -12.28 -6.84
CA PRO A 19 -4.72 -12.47 -5.83
C PRO A 19 -3.61 -11.44 -5.94
N TRP A 20 -3.28 -11.04 -7.16
CA TRP A 20 -2.24 -10.04 -7.37
C TRP A 20 -2.68 -8.66 -6.93
N THR A 21 -3.98 -8.40 -6.99
CA THR A 21 -4.52 -7.15 -6.45
C THR A 21 -4.30 -7.14 -4.95
N ILE A 22 -4.53 -8.27 -4.31
CA ILE A 22 -4.33 -8.36 -2.88
C ILE A 22 -2.86 -8.09 -2.54
N THR A 23 -1.96 -8.73 -3.26
CA THR A 23 -0.54 -8.51 -2.99
C THR A 23 -0.12 -7.04 -3.27
N GLY A 24 -0.59 -6.44 -4.35
CA GLY A 24 -0.27 -5.05 -4.64
C GLY A 24 -0.78 -4.13 -3.54
N PHE A 25 -2.00 -4.38 -3.08
CA PHE A 25 -2.57 -3.57 -2.00
C PHE A 25 -1.83 -3.77 -0.68
N ALA A 26 -1.38 -5.00 -0.39
CA ALA A 26 -0.60 -5.23 0.83
C ALA A 26 0.79 -4.59 0.76
N ASP A 27 1.42 -4.64 -0.42
CA ASP A 27 2.69 -3.91 -0.67
C ASP A 27 2.54 -2.43 -0.27
N ALA A 28 1.36 -1.88 -0.51
CA ALA A 28 1.05 -0.50 -0.16
C ALA A 28 0.66 -0.31 1.31
N GLU A 29 -0.35 -1.04 1.78
CA GLU A 29 -1.02 -0.72 3.05
C GLU A 29 -0.82 -1.67 4.24
N SER A 30 -0.14 -2.79 4.04
CA SER A 30 -0.12 -3.80 5.11
C SER A 30 1.07 -3.60 6.05
N SER A 31 1.01 -4.28 7.19
CA SER A 31 2.15 -4.32 8.12
C SER A 31 2.36 -5.73 8.67
N PHE A 32 3.64 -6.15 8.69
CA PHE A 32 4.04 -7.39 9.35
C PHE A 32 4.69 -7.01 10.66
N MET A 33 4.24 -7.60 11.76
CA MET A 33 4.66 -7.15 13.08
C MET A 33 5.03 -8.31 14.00
N LEU A 34 5.95 -8.05 14.91
CA LEU A 34 6.31 -8.97 15.98
C LEU A 34 6.25 -8.22 17.31
N THR A 35 5.38 -8.67 18.20
CA THR A 35 5.30 -8.10 19.55
C THR A 35 6.06 -8.95 20.55
N VAL A 36 6.99 -8.32 21.28
CA VAL A 36 7.72 -9.01 22.34
C VAL A 36 7.49 -8.26 23.65
N SER A 37 6.61 -8.79 24.50
CA SER A 37 6.19 -8.11 25.73
C SER A 37 6.60 -8.87 26.98
N LYS A 38 7.10 -8.15 27.98
CA LYS A 38 7.45 -8.77 29.26
C LYS A 38 6.23 -9.42 29.87
N ASP A 39 6.38 -10.67 30.31
CA ASP A 39 5.26 -11.41 30.85
C ASP A 39 5.70 -12.42 31.92
N SER A 40 5.31 -12.15 33.16
CA SER A 40 5.65 -12.99 34.31
C SER A 40 5.12 -14.41 34.19
N LYS A 41 3.99 -14.55 33.51
CA LYS A 41 3.28 -15.84 33.45
C LYS A 41 3.95 -16.83 32.51
N ARG A 42 4.87 -16.36 31.66
CA ARG A 42 5.51 -17.25 30.70
C ARG A 42 6.85 -17.75 31.26
N ASN A 43 7.26 -18.93 30.82
CA ASN A 43 8.49 -19.54 31.34
C ASN A 43 9.75 -18.76 30.95
N THR A 44 9.74 -18.12 29.79
CA THR A 44 10.88 -17.29 29.39
C THR A 44 10.77 -15.91 29.99
N GLY A 45 9.59 -15.58 30.51
CA GLY A 45 9.34 -14.26 31.05
C GLY A 45 8.88 -13.29 29.97
N TRP A 46 8.73 -13.79 28.75
CA TRP A 46 8.35 -12.95 27.62
C TRP A 46 7.29 -13.59 26.75
N SER A 47 6.44 -12.75 26.17
CA SER A 47 5.44 -13.19 25.21
C SER A 47 5.85 -12.75 23.81
N VAL A 48 5.84 -13.68 22.88
CA VAL A 48 6.21 -13.36 21.50
C VAL A 48 5.07 -13.77 20.57
N ARG A 49 4.66 -12.87 19.71
CA ARG A 49 3.58 -13.19 18.80
C ARG A 49 3.70 -12.46 17.48
N PRO A 50 3.36 -13.14 16.39
CA PRO A 50 3.42 -12.52 15.06
C PRO A 50 2.07 -11.93 14.68
N ARG A 51 2.07 -10.88 13.86
CA ARG A 51 0.82 -10.26 13.39
C ARG A 51 0.93 -9.83 11.96
N PHE A 52 -0.15 -9.98 11.20
CA PHE A 52 -0.25 -9.32 9.91
C PHE A 52 -1.55 -8.48 9.90
N ARG A 53 -1.45 -7.24 9.44
CA ARG A 53 -2.62 -6.37 9.57
C ARG A 53 -2.67 -5.37 8.46
N ILE A 54 -3.89 -5.03 8.04
CA ILE A 54 -4.10 -3.88 7.18
C ILE A 54 -5.11 -2.98 7.86
N GLY A 55 -4.78 -1.70 7.98
CA GLY A 55 -5.67 -0.76 8.64
C GLY A 55 -5.92 0.41 7.70
N LEU A 56 -7.20 0.76 7.57
CA LEU A 56 -7.69 1.74 6.60
C LEU A 56 -8.71 2.68 7.23
N HIS A 57 -9.07 3.74 6.50
CA HIS A 57 -10.21 4.54 6.95
C HIS A 57 -11.46 3.65 6.99
N ASN A 58 -12.34 3.87 7.96
CA ASN A 58 -13.62 3.14 8.08
C ASN A 58 -14.41 3.02 6.78
N LYS A 59 -14.32 4.02 5.93
CA LYS A 59 -15.08 4.06 4.68
C LYS A 59 -14.68 2.92 3.75
N ASP A 60 -13.52 2.29 4.02
CA ASP A 60 -13.01 1.28 3.10
C ASP A 60 -13.04 -0.10 3.71
N VAL A 61 -13.94 -0.32 4.67
CA VAL A 61 -14.19 -1.65 5.22
C VAL A 61 -14.45 -2.66 4.11
N THR A 62 -15.12 -2.24 3.03
CA THR A 62 -15.41 -3.18 1.93
C THR A 62 -14.17 -3.83 1.32
N ILE A 63 -13.05 -3.11 1.26
CA ILE A 63 -11.82 -3.73 0.77
C ILE A 63 -11.44 -4.87 1.67
N LEU A 64 -11.51 -4.64 2.97
CA LEU A 64 -11.14 -5.66 3.95
C LEU A 64 -12.04 -6.90 3.85
N LYS A 65 -13.31 -6.67 3.60
CA LYS A 65 -14.24 -7.80 3.46
C LYS A 65 -13.87 -8.62 2.24
N SER A 66 -13.45 -7.91 1.19
CA SER A 66 -13.04 -8.59 -0.04
C SER A 66 -11.83 -9.44 0.18
N ILE A 67 -10.86 -8.92 0.92
CA ILE A 67 -9.66 -9.69 1.24
C ILE A 67 -10.01 -10.92 2.09
N ARG A 68 -10.82 -10.70 3.11
CA ARG A 68 -11.28 -11.76 3.98
C ARG A 68 -12.01 -12.84 3.19
N GLU A 69 -12.87 -12.43 2.26
CA GLU A 69 -13.65 -13.41 1.50
C GLU A 69 -12.73 -14.23 0.58
N TYR A 70 -11.72 -13.59 0.01
CA TYR A 70 -10.76 -14.28 -0.83
C TYR A 70 -10.00 -15.35 -0.04
N LEU A 71 -9.45 -14.94 1.10
CA LEU A 71 -8.50 -15.81 1.81
C LEU A 71 -9.15 -16.80 2.75
N GLY A 72 -10.38 -16.51 3.17
CA GLY A 72 -11.06 -17.35 4.15
C GLY A 72 -10.49 -17.24 5.56
N ALA A 73 -9.95 -16.09 5.90
CA ALA A 73 -9.28 -15.89 7.19
C ALA A 73 -9.14 -14.38 7.46
N GLY A 74 -8.91 -14.00 8.71
CA GLY A 74 -8.78 -12.60 9.06
C GLY A 74 -9.94 -12.13 9.90
N ILE A 75 -9.66 -11.26 10.86
CA ILE A 75 -10.70 -10.73 11.73
C ILE A 75 -10.84 -9.25 11.41
N ILE A 76 -12.05 -8.84 11.04
CA ILE A 76 -12.32 -7.46 10.67
C ILE A 76 -12.92 -6.69 11.84
N THR A 77 -12.40 -5.48 12.08
CA THR A 77 -12.93 -4.60 13.11
C THR A 77 -13.11 -3.22 12.52
N SER A 78 -14.06 -2.48 13.09
CA SER A 78 -14.35 -1.11 12.69
C SER A 78 -14.65 -0.30 13.94
N ASP A 79 -13.81 0.68 14.23
CA ASP A 79 -14.05 1.56 15.35
C ASP A 79 -13.55 2.92 14.92
N ILE A 80 -12.40 3.35 15.40
CA ILE A 80 -11.89 4.62 14.92
C ILE A 80 -11.28 4.44 13.53
N ASP A 81 -10.91 3.20 13.19
CA ASP A 81 -10.53 2.86 11.82
C ASP A 81 -11.01 1.45 11.51
N ALA A 82 -10.76 0.98 10.28
CA ALA A 82 -11.13 -0.39 9.90
C ALA A 82 -9.89 -1.24 9.75
N ARG A 83 -9.89 -2.43 10.33
CA ARG A 83 -8.69 -3.26 10.31
C ARG A 83 -9.06 -4.68 10.00
N ILE A 84 -8.23 -5.36 9.22
CA ILE A 84 -8.28 -6.81 9.20
C ILE A 84 -6.96 -7.34 9.78
N ARG A 85 -7.05 -8.29 10.70
CA ARG A 85 -5.84 -8.76 11.38
C ARG A 85 -5.75 -10.27 11.30
N PHE A 86 -4.52 -10.76 11.26
CA PHE A 86 -4.24 -12.18 11.22
C PHE A 86 -3.24 -12.40 12.35
N GLU A 87 -3.64 -13.14 13.39
CA GLU A 87 -2.80 -13.27 14.57
C GLU A 87 -2.66 -14.73 15.04
N SER A 88 -3.65 -15.57 14.75
CA SER A 88 -3.56 -16.99 15.13
C SER A 88 -2.67 -17.75 14.15
N LEU A 89 -2.07 -18.85 14.59
CA LEU A 89 -1.18 -19.58 13.70
C LEU A 89 -1.94 -20.06 12.45
N LYS A 90 -3.20 -20.48 12.62
CA LYS A 90 -4.02 -20.90 11.50
C LYS A 90 -4.24 -19.79 10.47
N GLU A 91 -4.51 -18.58 10.96
CA GLU A 91 -4.74 -17.42 10.08
C GLU A 91 -3.47 -17.01 9.35
N LEU A 92 -2.34 -17.00 10.07
CA LEU A 92 -1.08 -16.59 9.47
C LEU A 92 -0.60 -17.60 8.43
N GLU A 93 -0.94 -18.87 8.63
CA GLU A 93 -0.58 -19.87 7.63
C GLU A 93 -1.22 -19.52 6.28
N VAL A 94 -2.48 -19.07 6.33
CA VAL A 94 -3.17 -18.62 5.13
C VAL A 94 -2.42 -17.44 4.50
N VAL A 95 -1.98 -16.51 5.35
CA VAL A 95 -1.20 -15.35 4.87
C VAL A 95 0.11 -15.77 4.20
N ILE A 96 0.87 -16.63 4.88
CA ILE A 96 2.14 -17.07 4.32
C ILE A 96 1.91 -17.85 3.03
N ASN A 97 0.89 -18.71 2.98
CA ASN A 97 0.64 -19.45 1.76
C ASN A 97 0.35 -18.51 0.60
N HIS A 98 -0.41 -17.45 0.86
CA HIS A 98 -0.69 -16.50 -0.21
C HIS A 98 0.56 -15.77 -0.73
N PHE A 99 1.34 -15.20 0.19
CA PHE A 99 2.47 -14.38 -0.22
C PHE A 99 3.63 -15.24 -0.73
N ASP A 100 3.66 -16.53 -0.36
CA ASP A 100 4.62 -17.42 -0.98
C ASP A 100 4.27 -17.62 -2.45
N LYS A 101 2.97 -17.61 -2.77
CA LYS A 101 2.52 -17.84 -4.13
C LYS A 101 2.51 -16.55 -4.96
N TYR A 102 2.13 -15.46 -4.30
CA TYR A 102 2.02 -14.15 -4.93
C TYR A 102 2.86 -13.09 -4.19
N PRO A 103 4.18 -13.12 -4.40
CA PRO A 103 5.14 -12.39 -3.56
C PRO A 103 5.11 -10.86 -3.70
N LEU A 104 5.31 -10.19 -2.57
CA LEU A 104 5.52 -8.75 -2.49
C LEU A 104 6.77 -8.32 -3.27
N ILE A 105 6.79 -7.09 -3.77
CA ILE A 105 7.95 -6.62 -4.52
C ILE A 105 8.51 -5.28 -4.05
N THR A 106 7.86 -4.65 -3.07
CA THR A 106 8.49 -3.49 -2.40
C THR A 106 9.44 -3.98 -1.33
N GLN A 107 10.07 -3.04 -0.62
CA GLN A 107 10.97 -3.42 0.48
C GLN A 107 10.24 -4.22 1.55
N LYS A 108 8.91 -4.14 1.55
CA LYS A 108 8.13 -4.94 2.49
C LYS A 108 8.30 -6.43 2.27
N ARG A 109 8.78 -6.83 1.09
CA ARG A 109 9.17 -8.21 0.86
C ARG A 109 10.21 -8.64 1.89
N ALA A 110 11.10 -7.72 2.25
CA ALA A 110 12.13 -8.06 3.23
C ALA A 110 11.55 -8.22 4.63
N ASP A 111 10.57 -7.37 4.98
CA ASP A 111 9.87 -7.49 6.24
C ASP A 111 9.14 -8.82 6.28
N TYR A 112 8.57 -9.21 5.14
CA TYR A 112 7.83 -10.47 5.04
C TYR A 112 8.77 -11.64 5.35
N LEU A 113 9.99 -11.57 4.83
CA LEU A 113 10.90 -12.68 4.98
C LEU A 113 11.35 -12.83 6.41
N LEU A 114 11.57 -11.72 7.10
CA LEU A 114 11.90 -11.74 8.54
C LEU A 114 10.73 -12.30 9.31
N PHE A 115 9.55 -11.81 8.99
CA PHE A 115 8.32 -12.28 9.60
C PHE A 115 8.11 -13.79 9.42
N LYS A 116 8.42 -14.28 8.22
CA LYS A 116 8.17 -15.69 7.92
C LYS A 116 9.13 -16.55 8.74
N LYS A 117 10.36 -16.08 8.90
CA LYS A 117 11.29 -16.84 9.73
C LYS A 117 10.78 -16.92 11.17
N ALA A 118 10.26 -15.81 11.67
CA ALA A 118 9.73 -15.75 13.01
C ALA A 118 8.53 -16.68 13.16
N PHE A 119 7.67 -16.66 12.14
CA PHE A 119 6.49 -17.50 12.13
C PHE A 119 6.87 -18.97 12.27
N TYR A 120 7.93 -19.38 11.58
CA TYR A 120 8.36 -20.78 11.64
C TYR A 120 8.85 -21.10 13.05
N LEU A 121 9.69 -20.22 13.61
CA LEU A 121 10.16 -20.40 14.98
C LEU A 121 9.02 -20.52 16.00
N ILE A 122 8.01 -19.65 15.88
CA ILE A 122 6.88 -19.67 16.82
C ILE A 122 5.98 -20.89 16.60
N LYS A 123 5.67 -21.16 15.34
CA LYS A 123 4.83 -22.29 14.95
C LYS A 123 5.41 -23.60 15.48
N ASN A 124 6.74 -23.64 15.45
CA ASN A 124 7.50 -24.82 15.88
C ASN A 124 7.88 -24.80 17.36
N LYS A 125 7.41 -23.77 18.06
CA LYS A 125 7.57 -23.59 19.51
C LYS A 125 9.02 -23.41 19.95
N GLU A 126 9.88 -23.07 18.98
CA GLU A 126 11.27 -22.77 19.30
C GLU A 126 11.37 -21.44 20.04
N HIS A 127 10.30 -20.65 19.99
CA HIS A 127 10.28 -19.38 20.72
C HIS A 127 10.17 -19.57 22.23
N LEU A 128 9.88 -20.79 22.67
CA LEU A 128 9.68 -21.07 24.09
C LEU A 128 11.00 -21.42 24.80
N THR A 129 12.11 -21.22 24.09
CA THR A 129 13.47 -21.46 24.61
C THR A 129 14.17 -20.10 24.69
N GLU A 130 15.20 -19.96 25.53
CA GLU A 130 16.01 -18.75 25.52
C GLU A 130 16.67 -18.52 24.16
N GLU A 131 17.12 -19.61 23.54
CA GLU A 131 17.81 -19.49 22.25
C GLU A 131 16.86 -18.96 21.18
N GLY A 132 15.68 -19.56 21.09
CA GLY A 132 14.71 -19.16 20.08
C GLY A 132 14.22 -17.74 20.30
N LEU A 133 14.02 -17.38 21.57
CA LEU A 133 13.58 -16.03 21.91
C LEU A 133 14.60 -15.02 21.44
N ASN A 134 15.87 -15.28 21.74
CA ASN A 134 16.94 -14.40 21.29
C ASN A 134 16.94 -14.27 19.77
N GLN A 135 16.64 -15.36 19.08
CA GLN A 135 16.68 -15.30 17.62
C GLN A 135 15.53 -14.40 17.14
N ILE A 136 14.38 -14.51 17.79
CA ILE A 136 13.22 -13.70 17.45
C ILE A 136 13.58 -12.23 17.59
N LEU A 137 14.28 -11.87 18.66
CA LEU A 137 14.71 -10.51 18.83
C LEU A 137 15.63 -10.03 17.69
N THR A 138 16.51 -10.88 17.15
CA THR A 138 17.31 -10.42 16.01
C THR A 138 16.42 -10.10 14.81
N LEU A 139 15.34 -10.87 14.66
CA LEU A 139 14.39 -10.64 13.57
C LEU A 139 13.60 -9.35 13.79
N LYS A 140 13.09 -9.16 15.00
CA LYS A 140 12.33 -7.96 15.30
C LYS A 140 13.21 -6.72 15.13
N ALA A 141 14.50 -6.87 15.44
CA ALA A 141 15.41 -5.74 15.35
C ALA A 141 15.50 -5.15 13.94
N SER A 142 15.32 -5.98 12.91
CA SER A 142 15.46 -5.51 11.52
C SER A 142 14.10 -5.28 10.84
N LEU A 143 13.04 -5.58 11.57
CA LEU A 143 11.68 -5.47 11.08
C LEU A 143 11.09 -4.10 11.42
N ASN A 144 10.62 -3.40 10.40
CA ASN A 144 10.04 -2.07 10.56
C ASN A 144 10.91 -1.15 11.44
N LEU A 145 10.37 -0.71 12.57
CA LEU A 145 11.05 0.30 13.38
C LEU A 145 12.10 -0.26 14.34
N GLY A 146 12.25 -1.58 14.39
CA GLY A 146 13.29 -2.19 15.21
C GLY A 146 12.98 -2.23 16.71
N LEU A 147 14.03 -2.37 17.52
CA LEU A 147 13.85 -2.55 18.96
C LEU A 147 13.68 -1.21 19.69
N SER A 148 12.73 -1.18 20.61
CA SER A 148 12.58 -0.06 21.53
C SER A 148 13.77 0.01 22.49
N GLU A 149 13.93 1.15 23.15
CA GLU A 149 14.97 1.32 24.16
C GLU A 149 14.84 0.25 25.25
N GLU A 150 13.60 0.01 25.67
CA GLU A 150 13.29 -1.00 26.68
C GLU A 150 13.73 -2.40 26.24
N LEU A 151 13.45 -2.75 25.00
CA LEU A 151 13.84 -4.06 24.49
C LEU A 151 15.34 -4.12 24.32
N LYS A 152 15.95 -3.01 23.89
CA LYS A 152 17.41 -2.94 23.82
C LYS A 152 18.02 -3.15 25.20
N GLU A 153 17.42 -2.54 26.21
CA GLU A 153 17.90 -2.69 27.59
C GLU A 153 17.78 -4.12 28.07
N ALA A 154 16.69 -4.79 27.70
CA ALA A 154 16.43 -6.16 28.15
C ALA A 154 17.21 -7.18 27.35
N PHE A 155 17.55 -6.90 26.10
CA PHE A 155 18.28 -7.84 25.25
C PHE A 155 19.46 -7.13 24.59
N PRO A 156 20.40 -6.67 25.40
CA PRO A 156 21.50 -5.86 24.92
C PRO A 156 22.49 -6.42 23.94
N ASN A 157 22.64 -7.71 23.79
CA ASN A 157 23.64 -8.20 22.85
C ASN A 157 23.04 -8.67 21.54
N THR A 158 21.86 -8.15 21.22
CA THR A 158 21.18 -8.51 20.01
C THR A 158 21.78 -7.96 18.73
N ILE A 159 22.18 -8.82 17.81
CA ILE A 159 22.63 -8.35 16.51
C ILE A 159 21.50 -8.52 15.49
N PRO A 160 21.06 -7.41 14.88
CA PRO A 160 19.89 -7.46 13.99
C PRO A 160 20.11 -8.41 12.82
N ALA A 161 19.13 -9.23 12.51
CA ALA A 161 19.24 -10.17 11.41
C ALA A 161 19.48 -9.50 10.06
N GLU A 162 20.10 -10.21 9.12
CA GLU A 162 20.35 -9.62 7.81
C GLU A 162 19.03 -9.34 7.12
N ARG A 163 18.92 -8.20 6.52
CA ARG A 163 17.73 -7.82 5.84
C ARG A 163 17.95 -7.82 4.35
N LEU A 164 17.09 -8.49 3.59
CA LEU A 164 17.18 -8.51 2.15
C LEU A 164 17.02 -7.10 1.57
N LEU A 165 18.00 -6.68 0.78
CA LEU A 165 17.78 -5.47 0.00
C LEU A 165 17.00 -5.89 -1.23
N VAL A 166 15.78 -5.40 -1.38
CA VAL A 166 14.95 -5.89 -2.48
C VAL A 166 15.29 -5.10 -3.72
N THR A 167 15.70 -5.82 -4.75
CA THR A 167 16.18 -5.18 -5.97
C THR A 167 15.89 -6.01 -7.22
N GLY A 168 15.83 -5.32 -8.36
CA GLY A 168 15.63 -5.97 -9.64
C GLY A 168 14.30 -6.66 -9.78
N GLN A 169 13.27 -6.10 -9.16
CA GLN A 169 11.97 -6.75 -9.15
C GLN A 169 11.10 -6.30 -10.32
N GLU A 170 10.56 -7.29 -11.02
CA GLU A 170 9.65 -7.03 -12.13
C GLU A 170 8.22 -6.90 -11.64
N ILE A 171 7.43 -6.08 -12.33
CA ILE A 171 6.00 -6.04 -12.09
C ILE A 171 5.43 -7.40 -12.48
N PRO A 172 4.91 -8.14 -11.50
CA PRO A 172 4.48 -9.53 -11.73
C PRO A 172 3.18 -9.67 -12.51
N ASP A 173 2.34 -8.65 -12.49
CA ASP A 173 1.00 -8.75 -13.04
C ASP A 173 0.34 -7.39 -13.03
N SER A 174 -0.50 -7.13 -14.03
CA SER A 174 -1.21 -5.87 -14.14
C SER A 174 -2.08 -5.59 -12.91
N ASN A 175 -2.62 -6.65 -12.31
CA ASN A 175 -3.46 -6.47 -11.12
C ASN A 175 -2.65 -6.07 -9.89
N TRP A 176 -1.36 -6.40 -9.88
CA TRP A 176 -0.50 -5.90 -8.81
C TRP A 176 -0.51 -4.38 -8.84
N VAL A 177 -0.38 -3.82 -10.04
CA VAL A 177 -0.37 -2.37 -10.21
C VAL A 177 -1.70 -1.76 -9.75
N ALA A 178 -2.81 -2.41 -10.10
CA ALA A 178 -4.11 -1.93 -9.65
C ALA A 178 -4.21 -1.93 -8.12
N GLY A 179 -3.74 -3.00 -7.47
CA GLY A 179 -3.79 -3.04 -6.03
C GLY A 179 -2.89 -2.01 -5.38
N PHE A 180 -1.66 -1.89 -5.89
CA PHE A 180 -0.71 -0.90 -5.36
C PHE A 180 -1.26 0.52 -5.50
N THR A 181 -1.86 0.79 -6.63
CA THR A 181 -2.38 2.14 -6.90
C THR A 181 -3.62 2.40 -6.06
N ALA A 182 -4.40 1.36 -5.78
CA ALA A 182 -5.57 1.55 -4.93
C ALA A 182 -5.12 1.97 -3.53
N GLY A 183 -3.91 1.56 -3.15
CA GLY A 183 -3.34 1.97 -1.88
C GLY A 183 -2.64 3.33 -1.99
N GLU A 184 -1.71 3.48 -2.94
CA GLU A 184 -0.80 4.65 -2.95
C GLU A 184 -1.11 5.71 -3.99
N GLY A 185 -2.07 5.43 -4.86
CA GLY A 185 -2.33 6.27 -6.02
C GLY A 185 -3.22 7.43 -5.68
N SER A 186 -3.23 8.41 -6.57
CA SER A 186 -4.12 9.55 -6.44
C SER A 186 -4.58 9.96 -7.84
N PHE A 187 -5.89 10.14 -7.97
CA PHE A 187 -6.47 10.67 -9.20
C PHE A 187 -7.04 12.05 -8.86
N TYR A 188 -6.36 13.10 -9.27
CA TYR A 188 -6.89 14.41 -8.93
C TYR A 188 -6.85 15.38 -10.09
N ILE A 189 -7.70 16.38 -9.97
CA ILE A 189 -7.80 17.45 -10.95
C ILE A 189 -7.13 18.67 -10.37
N ARG A 190 -6.11 19.17 -11.02
CA ARG A 190 -5.39 20.34 -10.55
C ARG A 190 -5.89 21.60 -11.20
N ILE A 191 -6.28 22.58 -10.40
CA ILE A 191 -6.69 23.89 -10.93
C ILE A 191 -5.75 24.96 -10.43
N ALA A 192 -5.10 25.67 -11.35
CA ALA A 192 -4.14 26.70 -10.99
C ALA A 192 -4.60 28.08 -11.47
N LYS A 193 -4.62 29.05 -10.56
CA LYS A 193 -4.94 30.41 -10.95
C LYS A 193 -3.83 30.87 -11.88
N ASN A 194 -4.21 31.35 -13.06
CA ASN A 194 -3.26 31.68 -14.11
C ASN A 194 -3.88 32.67 -15.11
N SER A 195 -3.44 33.92 -15.06
CA SER A 195 -4.05 34.98 -15.84
C SER A 195 -3.88 34.82 -17.35
N THR A 196 -2.87 34.06 -17.79
CA THR A 196 -2.65 33.88 -19.22
C THR A 196 -3.68 32.97 -19.87
N LEU A 197 -4.60 32.43 -19.08
CA LEU A 197 -5.72 31.65 -19.63
C LEU A 197 -7.00 32.46 -19.62
N LYS A 198 -7.82 32.26 -20.63
CA LYS A 198 -9.04 33.04 -20.80
C LYS A 198 -9.96 32.93 -19.58
N THR A 199 -10.09 31.73 -19.04
CA THR A 199 -10.95 31.51 -17.88
C THR A 199 -10.32 32.02 -16.60
N GLY A 200 -9.02 32.30 -16.62
CA GLY A 200 -8.30 32.71 -15.44
C GLY A 200 -7.69 31.52 -14.68
N TYR A 201 -7.90 30.31 -15.19
CA TYR A 201 -7.37 29.10 -14.52
C TYR A 201 -6.91 28.04 -15.52
N GLN A 202 -5.75 27.43 -15.26
CA GLN A 202 -5.40 26.21 -15.96
C GLN A 202 -6.06 25.02 -15.27
N VAL A 203 -6.54 24.08 -16.07
CA VAL A 203 -7.09 22.82 -15.59
C VAL A 203 -6.26 21.66 -16.09
N GLN A 204 -5.84 20.79 -15.17
CA GLN A 204 -4.98 19.66 -15.51
C GLN A 204 -5.49 18.41 -14.84
N SER A 205 -5.51 17.30 -15.57
CA SER A 205 -5.78 16.00 -14.94
C SER A 205 -4.47 15.33 -14.54
N VAL A 206 -4.40 14.85 -13.31
CA VAL A 206 -3.15 14.33 -12.78
C VAL A 206 -3.34 12.91 -12.24
N PHE A 207 -2.44 12.02 -12.63
CA PHE A 207 -2.36 10.71 -12.00
C PHE A 207 -1.03 10.58 -11.26
N GLN A 208 -1.09 10.00 -10.06
CA GLN A 208 0.06 10.01 -9.18
C GLN A 208 0.16 8.72 -8.36
N ILE A 209 1.39 8.28 -8.10
CA ILE A 209 1.67 7.24 -7.13
C ILE A 209 2.82 7.72 -6.23
N THR A 210 2.67 7.55 -4.92
CA THR A 210 3.65 8.05 -3.98
C THR A 210 4.34 6.93 -3.22
N GLN A 211 5.64 7.06 -3.02
CA GLN A 211 6.37 6.07 -2.27
C GLN A 211 7.71 6.57 -1.71
N ASP A 212 8.13 6.05 -0.55
CA ASP A 212 9.42 6.42 0.02
C ASP A 212 10.54 6.04 -0.96
N THR A 213 11.64 6.78 -0.93
CA THR A 213 12.70 6.61 -1.92
C THR A 213 13.39 5.24 -1.83
N ARG A 214 13.16 4.50 -0.74
CA ARG A 214 13.75 3.17 -0.63
C ARG A 214 13.32 2.27 -1.80
N ASP A 215 12.23 2.65 -2.47
CA ASP A 215 11.71 1.88 -3.60
C ASP A 215 11.69 2.69 -4.91
N ILE A 216 12.66 3.57 -5.09
CA ILE A 216 12.67 4.41 -6.29
C ILE A 216 12.86 3.53 -7.55
N GLU A 217 13.58 2.42 -7.41
CA GLU A 217 13.80 1.52 -8.54
C GLU A 217 12.46 0.97 -9.03
N LEU A 218 11.60 0.55 -8.09
CA LEU A 218 10.27 0.08 -8.43
C LEU A 218 9.47 1.17 -9.13
N MET A 219 9.57 2.38 -8.60
CA MET A 219 8.83 3.50 -9.18
C MET A 219 9.28 3.75 -10.63
N LYS A 220 10.59 3.69 -10.88
CA LYS A 220 11.10 3.86 -12.24
C LYS A 220 10.62 2.72 -13.13
N ASN A 221 10.52 1.51 -12.58
CA ASN A 221 10.02 0.37 -13.33
C ASN A 221 8.54 0.55 -13.69
N LEU A 222 7.80 1.22 -12.82
CA LEU A 222 6.41 1.50 -13.07
C LEU A 222 6.25 2.48 -14.23
N ILE A 223 7.19 3.38 -14.38
CA ILE A 223 7.15 4.31 -15.50
C ILE A 223 7.35 3.57 -16.83
N SER A 224 8.31 2.65 -16.87
CA SER A 224 8.53 1.83 -18.05
C SER A 224 7.32 0.94 -18.32
N TYR A 225 6.72 0.42 -17.26
CA TYR A 225 5.63 -0.54 -17.40
C TYR A 225 4.37 0.14 -17.93
N LEU A 226 4.10 1.35 -17.44
CA LEU A 226 2.92 2.07 -17.88
C LEU A 226 3.23 2.90 -19.13
N ASN A 227 4.52 3.03 -19.43
CA ASN A 227 5.03 3.75 -20.61
C ASN A 227 4.76 5.26 -20.56
N CYS A 228 4.65 5.81 -19.35
CA CYS A 228 4.47 7.25 -19.19
C CYS A 228 4.80 7.69 -17.77
N GLY A 229 4.80 9.01 -17.57
CA GLY A 229 5.01 9.58 -16.26
C GLY A 229 6.42 10.10 -16.04
N ASN A 230 6.56 11.01 -15.08
CA ASN A 230 7.87 11.49 -14.65
C ASN A 230 8.11 11.20 -13.16
N ILE A 231 9.38 11.09 -12.80
CA ILE A 231 9.76 10.94 -11.39
C ILE A 231 9.97 12.29 -10.73
N ARG A 232 9.35 12.48 -9.59
CA ARG A 232 9.51 13.66 -8.80
C ARG A 232 10.05 13.32 -7.39
N ILE A 233 11.17 13.91 -7.00
CA ILE A 233 11.72 13.67 -5.66
C ILE A 233 11.45 14.84 -4.73
N ARG A 234 10.79 14.60 -3.60
CA ARG A 234 10.65 15.63 -2.57
C ARG A 234 11.35 15.23 -1.27
N THR A 245 13.15 11.31 2.19
CA THR A 245 12.48 11.80 0.99
C THR A 245 11.46 10.81 0.43
N CYS A 246 10.43 11.35 -0.21
CA CYS A 246 9.45 10.56 -0.95
C CYS A 246 9.64 10.78 -2.45
N VAL A 247 9.23 9.78 -3.24
CA VAL A 247 9.20 9.90 -4.68
C VAL A 247 7.76 9.86 -5.19
N ASP A 248 7.44 10.70 -6.17
CA ASP A 248 6.15 10.58 -6.84
C ASP A 248 6.34 10.15 -8.28
N LEU A 249 5.55 9.18 -8.70
CA LEU A 249 5.35 8.93 -10.12
C LEU A 249 4.22 9.87 -10.52
N VAL A 250 4.48 10.80 -11.44
CA VAL A 250 3.46 11.75 -11.82
C VAL A 250 3.19 11.74 -13.32
N VAL A 251 1.94 11.50 -13.70
CA VAL A 251 1.52 11.62 -15.09
C VAL A 251 0.63 12.83 -15.29
N THR A 252 1.10 13.77 -16.11
CA THR A 252 0.37 15.00 -16.36
C THR A 252 -0.01 15.16 -17.84
N ASN A 253 0.72 14.48 -18.72
CA ASN A 253 0.45 14.51 -20.16
C ASN A 253 -0.95 14.02 -20.48
N LEU A 254 -1.75 14.83 -21.17
CA LEU A 254 -3.17 14.48 -21.36
C LEU A 254 -3.48 13.21 -22.17
N ASN A 255 -2.84 12.96 -23.31
CA ASN A 255 -3.16 11.67 -23.91
C ASN A 255 -2.22 10.52 -23.49
N ASP A 256 -1.34 10.74 -22.52
CA ASP A 256 -0.84 9.56 -21.81
C ASP A 256 -1.96 9.11 -20.86
N ILE A 257 -2.63 10.08 -20.26
CA ILE A 257 -3.75 9.81 -19.38
C ILE A 257 -4.91 9.16 -20.13
N LYS A 258 -5.24 9.71 -21.28
CA LYS A 258 -6.33 9.24 -22.12
C LYS A 258 -6.12 7.84 -22.70
N GLU A 259 -4.92 7.58 -23.21
CA GLU A 259 -4.68 6.35 -23.98
C GLU A 259 -3.88 5.29 -23.24
N LYS A 260 -3.37 5.60 -22.05
CA LYS A 260 -2.58 4.62 -21.28
C LYS A 260 -3.14 4.40 -19.89
N ILE A 261 -3.18 5.45 -19.06
CA ILE A 261 -3.66 5.31 -17.69
C ILE A 261 -5.14 4.89 -17.61
N ILE A 262 -6.02 5.59 -18.30
CA ILE A 262 -7.43 5.24 -18.24
C ILE A 262 -7.73 3.83 -18.82
N PRO A 263 -7.15 3.49 -19.99
CA PRO A 263 -7.37 2.12 -20.48
C PRO A 263 -6.82 1.07 -19.53
N PHE A 264 -5.67 1.35 -18.92
CA PHE A 264 -5.08 0.41 -18.00
C PHE A 264 -6.01 0.13 -16.82
N PHE A 265 -6.51 1.19 -16.19
CA PHE A 265 -7.29 1.00 -14.98
C PHE A 265 -8.75 0.68 -15.26
N ASN A 266 -9.11 0.75 -16.52
CA ASN A 266 -10.43 0.34 -16.91
C ASN A 266 -10.44 -1.19 -16.94
N LYS A 267 -9.32 -1.80 -17.32
CA LYS A 267 -9.17 -3.25 -17.37
C LYS A 267 -8.66 -3.81 -16.03
N ASN A 268 -7.78 -3.06 -15.38
CA ASN A 268 -7.27 -3.47 -14.08
C ASN A 268 -7.82 -2.57 -12.98
N HIS A 269 -8.87 -3.03 -12.34
CA HIS A 269 -9.77 -2.18 -11.55
C HIS A 269 -9.22 -1.71 -10.21
N ILE A 270 -9.43 -0.42 -9.96
CA ILE A 270 -9.24 0.17 -8.64
C ILE A 270 -10.31 -0.32 -7.67
N ILE A 271 -9.92 -0.55 -6.42
CA ILE A 271 -10.86 -0.95 -5.39
C ILE A 271 -11.05 0.15 -4.35
N GLY A 272 -12.14 0.07 -3.59
CA GLY A 272 -12.40 0.97 -2.48
C GLY A 272 -13.02 2.27 -2.97
N VAL A 273 -13.26 3.20 -2.07
CA VAL A 273 -13.87 4.51 -2.41
C VAL A 273 -13.10 5.22 -3.52
N LYS A 274 -11.80 4.96 -3.62
CA LYS A 274 -10.99 5.58 -4.66
C LYS A 274 -11.50 5.23 -6.08
N LEU A 275 -12.28 4.16 -6.20
CA LEU A 275 -12.86 3.83 -7.50
C LEU A 275 -13.82 4.94 -7.92
N GLN A 276 -14.55 5.49 -6.96
CA GLN A 276 -15.47 6.57 -7.24
C GLN A 276 -14.69 7.80 -7.64
N ASP A 277 -13.55 8.02 -7.00
CA ASP A 277 -12.70 9.16 -7.36
C ASP A 277 -12.16 8.99 -8.76
N TYR A 278 -11.77 7.76 -9.09
CA TYR A 278 -11.30 7.44 -10.44
C TYR A 278 -12.36 7.76 -11.48
N ARG A 279 -13.59 7.33 -11.21
CA ARG A 279 -14.69 7.57 -12.15
C ARG A 279 -14.94 9.06 -12.39
N ASP A 280 -14.99 9.84 -11.32
CA ASP A 280 -15.15 11.29 -11.42
C ASP A 280 -13.99 11.90 -12.19
N TRP A 281 -12.78 11.43 -11.91
CA TRP A 281 -11.57 11.88 -12.59
C TRP A 281 -11.66 11.63 -14.10
N CYS A 282 -12.16 10.45 -14.46
CA CYS A 282 -12.41 10.11 -15.85
C CYS A 282 -13.36 11.11 -16.53
N LYS A 283 -14.40 11.50 -15.80
CA LYS A 283 -15.42 12.40 -16.36
C LYS A 283 -14.81 13.75 -16.69
N VAL A 284 -13.98 14.24 -15.79
CA VAL A 284 -13.32 15.53 -16.01
C VAL A 284 -12.33 15.42 -17.17
N VAL A 285 -11.66 14.28 -17.29
CA VAL A 285 -10.74 14.08 -18.41
C VAL A 285 -11.49 14.17 -19.75
N THR A 286 -12.70 13.62 -19.76
CA THR A 286 -13.56 13.71 -20.94
C THR A 286 -13.86 15.17 -21.25
N LEU A 287 -14.26 15.91 -20.22
CA LEU A 287 -14.53 17.33 -20.37
C LEU A 287 -13.30 18.09 -20.87
N ILE A 288 -12.12 17.73 -20.37
CA ILE A 288 -10.88 18.38 -20.79
C ILE A 288 -10.57 18.07 -22.25
N ASP A 289 -10.68 16.80 -22.62
CA ASP A 289 -10.45 16.35 -23.99
C ASP A 289 -11.33 17.10 -24.99
N ASN A 290 -12.53 17.48 -24.54
CA ASN A 290 -13.48 18.22 -25.37
C ASN A 290 -13.41 19.74 -25.17
N LYS A 291 -12.30 20.18 -24.58
CA LYS A 291 -11.97 21.60 -24.44
C LYS A 291 -12.96 22.41 -23.60
N GLU A 292 -13.80 21.73 -22.83
CA GLU A 292 -14.78 22.43 -22.02
C GLU A 292 -14.12 23.13 -20.83
N HIS A 293 -12.89 22.75 -20.51
CA HIS A 293 -12.15 23.42 -19.45
C HIS A 293 -11.72 24.83 -19.87
N LEU A 294 -11.81 25.10 -21.17
CA LEU A 294 -11.40 26.41 -21.69
C LEU A 294 -12.58 27.39 -21.74
N THR A 295 -13.72 26.99 -21.17
CA THR A 295 -14.88 27.86 -21.06
C THR A 295 -15.24 28.07 -19.59
N SER A 296 -15.87 29.21 -19.29
CA SER A 296 -16.31 29.52 -17.92
C SER A 296 -17.27 28.47 -17.40
N GLU A 297 -18.28 28.13 -18.22
CA GLU A 297 -19.29 27.16 -17.83
C GLU A 297 -18.68 25.78 -17.55
N GLY A 298 -17.81 25.33 -18.45
CA GLY A 298 -17.14 24.05 -18.28
C GLY A 298 -16.25 24.03 -17.05
N LEU A 299 -15.56 25.13 -16.80
CA LEU A 299 -14.70 25.26 -15.63
C LEU A 299 -15.52 25.14 -14.34
N GLU A 300 -16.70 25.75 -14.35
CA GLU A 300 -17.64 25.62 -13.24
C GLU A 300 -18.07 24.15 -13.05
N LYS A 301 -18.37 23.49 -14.17
CA LYS A 301 -18.73 22.07 -14.18
C LYS A 301 -17.67 21.23 -13.48
N ILE A 302 -16.43 21.41 -13.93
CA ILE A 302 -15.28 20.66 -13.44
C ILE A 302 -15.01 20.91 -11.96
N GLN A 303 -15.02 22.18 -11.55
CA GLN A 303 -14.89 22.54 -10.14
C GLN A 303 -15.88 21.80 -9.26
N LYS A 304 -17.13 21.70 -9.72
CA LYS A 304 -18.18 21.01 -8.97
C LYS A 304 -17.83 19.54 -8.79
N ILE A 305 -17.34 18.92 -9.85
CA ILE A 305 -16.93 17.52 -9.76
C ILE A 305 -15.74 17.36 -8.80
N LYS A 306 -14.73 18.21 -8.97
CA LYS A 306 -13.52 18.22 -8.14
C LYS A 306 -13.84 18.36 -6.66
N GLU A 307 -14.79 19.23 -6.33
CA GLU A 307 -15.15 19.50 -4.94
C GLU A 307 -15.78 18.30 -4.25
N GLY A 308 -16.26 17.35 -5.05
CA GLY A 308 -16.87 16.14 -4.53
C GLY A 308 -15.93 14.95 -4.60
N MET A 309 -14.67 15.20 -4.93
CA MET A 309 -13.67 14.14 -5.05
C MET A 309 -12.70 14.12 -3.89
N ASN A 310 -12.11 12.94 -3.66
CA ASN A 310 -11.02 12.79 -2.71
C ASN A 310 -11.41 13.33 -1.34
N ARG A 311 -10.64 14.27 -0.83
CA ARG A 311 -10.90 14.81 0.50
C ARG A 311 -12.26 15.49 0.60
N GLY A 312 -12.77 15.98 -0.53
CA GLY A 312 -14.07 16.65 -0.57
C GLY A 312 -15.26 15.72 -0.68
N ARG A 313 -15.01 14.43 -0.81
CA ARG A 313 -16.09 13.46 -0.89
C ARG A 313 -16.71 13.30 0.50
N SER A 314 -18.04 13.34 0.56
CA SER A 314 -18.74 13.30 1.84
C SER A 314 -18.80 11.89 2.41
#